data_6GCW
#
_entry.id   6GCW
#
_cell.length_a   44.916
_cell.length_b   119.798
_cell.length_c   52.810
_cell.angle_alpha   90.00
_cell.angle_beta   90.56
_cell.angle_gamma   90.00
#
_symmetry.space_group_name_H-M   'P 1 21 1'
#
loop_
_entity.id
_entity.type
_entity.pdbx_description
1 polymer 'Focal adhesion kinase 1'
2 non-polymer 2-[[5-chloranyl-2-[[4-[[[1-[2-(propanoylamino)ethyl]-1,2,3-triazol-4-yl]methylamino]methyl]phenyl]amino]pyrimidin-4-yl]amino]-~{N}-methyl-benzamide
3 non-polymer 'SULFATE ION'
4 water water
#
_entity_poly.entity_id   1
_entity_poly.type   'polypeptide(L)'
_entity_poly.pdbx_seq_one_letter_code
;STRDYEIQRERIELGRCIGEGQFGDVHQGIYMSPENPAMAVAIKTCKNCTSDSVREKFLQEALTMRQFDHPHIVKLIGVI
TENPVWIIMELCTLGELRSFLQVRKFSLDLASLILYAYQLSTALAYLESKRFVHRDIAARNVLVSATDCVKLGDFGLSRY
MEDSTYYKASKGKLPIKWMAPESINFRRFTSASDVWMFGVCMWEILMHGVKPFQGVKNNDVIGRIENGERLPMPPNCPPT
LYSLMTKCWAYDPSRRPRFTELKAQLSTILEEEKLQ
;
_entity_poly.pdbx_strand_id   A,B
#
loop_
_chem_comp.id
_chem_comp.type
_chem_comp.name
_chem_comp.formula
EUQ non-polymer 2-[[5-chloranyl-2-[[4-[[[1-[2-(propanoylamino)ethyl]-1,2,3-triazol-4-yl]methylamino]methyl]phenyl]amino]pyrimidin-4-yl]amino]-~{N}-methyl-benzamide 'C27 H31 Cl N10 O2'
SO4 non-polymer 'SULFATE ION' 'O4 S -2'
#
# COMPACT_ATOMS: atom_id res chain seq x y z
N ASP A 4 25.83 8.72 -19.22
CA ASP A 4 25.66 9.32 -17.89
C ASP A 4 24.19 9.37 -17.48
N TYR A 5 23.93 8.90 -16.26
CA TYR A 5 22.58 8.76 -15.75
C TYR A 5 22.29 9.61 -14.54
N GLU A 6 23.31 10.23 -13.93
CA GLU A 6 23.08 11.10 -12.80
C GLU A 6 22.23 12.30 -13.18
N ILE A 7 21.05 12.37 -12.59
CA ILE A 7 20.18 13.53 -12.64
C ILE A 7 20.40 14.29 -11.35
N GLN A 8 20.25 15.62 -11.37
CA GLN A 8 20.42 16.40 -10.16
C GLN A 8 19.07 16.71 -9.56
N ARG A 9 19.01 16.61 -8.23
CA ARG A 9 17.75 16.67 -7.50
C ARG A 9 16.86 17.82 -7.98
N GLU A 10 17.47 18.90 -8.49
CA GLU A 10 16.71 20.11 -8.77
C GLU A 10 15.91 20.01 -10.06
N ARG A 11 16.32 19.15 -10.99
CA ARG A 11 15.54 18.92 -12.21
C ARG A 11 14.40 17.95 -12.00
N ILE A 12 14.31 17.31 -10.82
CA ILE A 12 13.23 16.40 -10.48
C ILE A 12 12.29 17.11 -9.53
N GLU A 13 11.00 17.05 -9.83
CA GLU A 13 9.97 17.72 -9.04
C GLU A 13 9.06 16.64 -8.46
N LEU A 14 9.17 16.41 -7.15
CA LEU A 14 8.50 15.31 -6.49
C LEU A 14 6.98 15.50 -6.49
N GLY A 15 6.25 14.45 -6.83
CA GLY A 15 4.80 14.54 -6.82
C GLY A 15 4.13 13.54 -5.90
N ARG A 16 2.88 13.18 -6.23
CA ARG A 16 2.08 12.28 -5.41
C ARG A 16 2.70 10.88 -5.35
N CYS A 17 2.56 10.24 -4.19
CA CYS A 17 2.90 8.83 -4.09
C CYS A 17 1.91 8.00 -4.91
N ILE A 18 2.41 7.13 -5.77
CA ILE A 18 1.57 6.35 -6.68
C ILE A 18 1.48 4.89 -6.28
N GLY A 19 2.33 4.41 -5.40
CA GLY A 19 2.25 3.03 -4.98
C GLY A 19 3.42 2.69 -4.10
N GLU A 20 3.49 1.42 -3.75
CA GLU A 20 4.56 0.89 -2.93
C GLU A 20 5.49 0.04 -3.80
N GLY A 21 6.78 0.32 -3.73
CA GLY A 21 7.80 -0.49 -4.34
C GLY A 21 8.54 -1.32 -3.30
N GLN A 22 9.33 -2.27 -3.81
CA GLN A 22 10.07 -3.19 -2.95
C GLN A 22 10.86 -2.46 -1.87
N PHE A 23 11.36 -1.25 -2.16
CA PHE A 23 12.29 -0.55 -1.28
C PHE A 23 11.70 0.68 -0.60
N GLY A 24 10.51 1.13 -1.02
CA GLY A 24 9.95 2.35 -0.50
C GLY A 24 8.90 2.88 -1.44
N ASP A 25 8.33 4.02 -1.06
CA ASP A 25 7.20 4.53 -1.81
C ASP A 25 7.65 5.00 -3.19
N VAL A 26 6.82 4.73 -4.18
CA VAL A 26 7.02 5.24 -5.52
C VAL A 26 6.19 6.51 -5.67
N HIS A 27 6.80 7.55 -6.21
CA HIS A 27 6.09 8.79 -6.47
C HIS A 27 6.02 9.02 -7.96
N GLN A 28 5.01 9.75 -8.40
CA GLN A 28 5.11 10.36 -9.71
C GLN A 28 5.75 11.73 -9.56
N GLY A 29 6.22 12.25 -10.69
CA GLY A 29 6.89 13.53 -10.66
C GLY A 29 7.07 14.03 -12.07
N ILE A 30 7.88 15.08 -12.20
CA ILE A 30 8.17 15.66 -13.49
C ILE A 30 9.68 15.85 -13.57
N TYR A 31 10.29 15.34 -14.65
CA TYR A 31 11.70 15.53 -14.90
C TYR A 31 11.85 16.68 -15.87
N MET A 32 12.43 17.77 -15.40
CA MET A 32 12.69 18.95 -16.21
C MET A 32 14.08 18.80 -16.79
N SER A 33 14.16 18.20 -17.97
CA SER A 33 15.42 18.13 -18.69
C SER A 33 15.76 19.53 -19.20
N PRO A 34 17.05 19.87 -19.24
CA PRO A 34 17.42 21.14 -19.90
C PRO A 34 17.31 21.05 -21.40
N GLU A 35 17.44 19.84 -21.92
CA GLU A 35 17.46 19.57 -23.34
C GLU A 35 16.09 19.23 -23.91
N ASN A 36 15.25 18.54 -23.13
CA ASN A 36 14.05 17.88 -23.66
C ASN A 36 12.78 18.36 -22.97
N PRO A 37 11.62 18.25 -23.64
CA PRO A 37 10.37 18.67 -23.00
C PRO A 37 10.14 17.91 -21.71
N ALA A 38 9.77 18.64 -20.66
CA ALA A 38 9.50 18.02 -19.36
C ALA A 38 8.64 16.78 -19.56
N MET A 39 8.92 15.75 -18.78
CA MET A 39 8.19 14.51 -18.94
C MET A 39 7.72 14.02 -17.59
N ALA A 40 6.56 13.38 -17.59
CA ALA A 40 6.10 12.65 -16.42
C ALA A 40 7.12 11.57 -16.11
N VAL A 41 7.41 11.38 -14.83
CA VAL A 41 8.29 10.31 -14.41
C VAL A 41 7.70 9.61 -13.19
N ALA A 42 8.11 8.37 -13.01
CA ALA A 42 7.97 7.68 -11.74
C ALA A 42 9.29 7.75 -10.99
N ILE A 43 9.22 8.11 -9.71
CA ILE A 43 10.39 8.26 -8.85
C ILE A 43 10.36 7.15 -7.81
N LYS A 44 11.33 6.24 -7.91
CA LYS A 44 11.47 5.20 -6.90
C LYS A 44 12.32 5.73 -5.78
N THR A 45 11.77 5.69 -4.57
CA THR A 45 12.47 6.16 -3.39
C THR A 45 12.88 4.98 -2.53
N CYS A 46 13.89 5.17 -1.70
CA CYS A 46 14.37 4.12 -0.84
C CYS A 46 14.44 4.48 0.64
N LYS A 47 13.88 3.62 1.47
CA LYS A 47 13.93 3.78 2.93
C LYS A 47 14.88 2.65 3.28
N ASN A 48 15.74 2.86 4.27
CA ASN A 48 16.74 1.87 4.60
C ASN A 48 17.95 2.04 3.68
N CYS A 49 17.92 3.08 2.86
CA CYS A 49 18.99 3.37 1.92
C CYS A 49 20.17 3.97 2.67
N THR A 50 19.97 4.29 3.93
CA THR A 50 21.04 4.86 4.74
C THR A 50 22.18 3.86 4.83
N SER A 51 21.84 2.59 5.00
CA SER A 51 22.88 1.59 5.07
C SER A 51 23.26 1.24 3.65
N ASP A 52 24.53 1.48 3.32
CA ASP A 52 25.02 1.21 1.97
C ASP A 52 24.63 -0.19 1.51
N SER A 53 24.56 -1.14 2.44
CA SER A 53 24.18 -2.51 2.12
C SER A 53 22.91 -2.57 1.27
N VAL A 54 21.84 -1.93 1.74
CA VAL A 54 20.59 -1.95 1.00
C VAL A 54 20.65 -1.03 -0.22
N ARG A 55 21.38 0.09 -0.10
CA ARG A 55 21.66 0.95 -1.25
C ARG A 55 22.20 0.14 -2.43
N GLU A 56 23.21 -0.70 -2.19
CA GLU A 56 23.73 -1.54 -3.26
C GLU A 56 22.63 -2.36 -3.91
N LYS A 57 21.68 -2.85 -3.11
CA LYS A 57 20.56 -3.58 -3.67
C LYS A 57 19.58 -2.64 -4.36
N PHE A 58 19.33 -1.46 -3.77
CA PHE A 58 18.43 -0.50 -4.41
C PHE A 58 19.03 0.05 -5.69
N LEU A 59 20.29 0.48 -5.68
CA LEU A 59 20.77 1.10 -6.91
C LEU A 59 21.09 0.07 -7.97
N GLN A 60 21.30 -1.19 -7.59
CA GLN A 60 21.62 -2.22 -8.58
C GLN A 60 20.47 -2.47 -9.56
N GLU A 61 19.21 -2.17 -9.20
CA GLU A 61 18.17 -2.40 -10.19
C GLU A 61 18.33 -1.43 -11.34
N ALA A 62 18.76 -0.20 -11.02
CA ALA A 62 18.99 0.81 -12.05
C ALA A 62 20.07 0.35 -13.02
N LEU A 63 21.21 -0.12 -12.49
CA LEU A 63 22.26 -0.60 -13.38
C LEU A 63 21.80 -1.80 -14.20
N THR A 64 20.94 -2.64 -13.64
CA THR A 64 20.38 -3.73 -14.44
C THR A 64 19.52 -3.19 -15.58
N MET A 65 18.63 -2.24 -15.27
CA MET A 65 17.70 -1.75 -16.28
CA MET A 65 17.70 -1.76 -16.28
C MET A 65 18.35 -0.84 -17.31
N ARG A 66 19.51 -0.25 -17.01
CA ARG A 66 20.06 0.58 -18.07
C ARG A 66 20.59 -0.25 -19.21
N GLN A 67 20.70 -1.57 -19.02
CA GLN A 67 21.04 -2.49 -20.11
C GLN A 67 19.99 -2.50 -21.21
N PHE A 68 18.75 -2.17 -20.90
CA PHE A 68 17.68 -2.58 -21.79
C PHE A 68 17.04 -1.39 -22.46
N ASP A 69 16.59 -1.64 -23.68
CA ASP A 69 15.91 -0.64 -24.49
C ASP A 69 14.84 -1.40 -25.26
N HIS A 70 13.60 -1.33 -24.79
CA HIS A 70 12.51 -2.03 -25.44
C HIS A 70 11.19 -1.33 -25.18
N PRO A 71 10.33 -1.22 -26.20
CA PRO A 71 9.06 -0.51 -26.04
C PRO A 71 8.15 -1.10 -24.97
N HIS A 72 8.40 -2.30 -24.46
CA HIS A 72 7.51 -2.90 -23.47
C HIS A 72 8.28 -3.26 -22.20
N ILE A 73 9.36 -2.52 -21.95
CA ILE A 73 10.07 -2.56 -20.69
C ILE A 73 10.19 -1.13 -20.22
N VAL A 74 9.80 -0.89 -18.96
CA VAL A 74 9.83 0.47 -18.45
CA VAL A 74 9.83 0.46 -18.44
C VAL A 74 11.25 1.02 -18.57
N LYS A 75 11.35 2.24 -19.07
CA LYS A 75 12.63 2.86 -19.34
C LYS A 75 13.19 3.56 -18.09
N LEU A 76 14.47 3.34 -17.83
CA LEU A 76 15.18 4.08 -16.80
C LEU A 76 15.61 5.44 -17.34
N ILE A 77 15.23 6.50 -16.64
CA ILE A 77 15.64 7.83 -17.04
C ILE A 77 16.96 8.23 -16.38
N GLY A 78 17.13 7.90 -15.11
CA GLY A 78 18.31 8.31 -14.38
C GLY A 78 18.19 7.97 -12.91
N VAL A 79 19.21 8.41 -12.17
CA VAL A 79 19.32 8.14 -10.75
C VAL A 79 19.87 9.38 -10.06
N ILE A 80 19.44 9.57 -8.82
CA ILE A 80 20.08 10.49 -7.89
C ILE A 80 20.71 9.60 -6.83
N THR A 81 22.04 9.55 -6.79
CA THR A 81 22.71 8.58 -5.92
C THR A 81 23.14 9.17 -4.59
N GLU A 82 22.92 10.46 -4.36
CA GLU A 82 23.10 11.06 -3.04
C GLU A 82 21.78 11.03 -2.29
N ASN A 83 21.87 10.89 -0.96
CA ASN A 83 20.68 10.66 -0.16
C ASN A 83 19.82 11.93 -0.10
N PRO A 84 18.48 11.80 -0.23
CA PRO A 84 17.75 10.54 -0.46
C PRO A 84 17.88 10.00 -1.90
N VAL A 85 18.22 8.72 -2.00
CA VAL A 85 18.55 8.10 -3.27
C VAL A 85 17.27 7.78 -4.04
N TRP A 86 17.14 8.31 -5.24
CA TRP A 86 15.97 8.11 -6.10
C TRP A 86 16.36 7.42 -7.40
N ILE A 87 15.45 6.60 -7.92
CA ILE A 87 15.56 6.06 -9.27
C ILE A 87 14.44 6.67 -10.11
N ILE A 88 14.81 7.33 -11.19
CA ILE A 88 13.86 8.05 -12.03
C ILE A 88 13.58 7.19 -13.27
N MET A 89 12.30 6.89 -13.47
CA MET A 89 11.82 6.04 -14.56
C MET A 89 10.73 6.78 -15.32
N GLU A 90 10.46 6.32 -16.51
CA GLU A 90 9.32 6.88 -17.21
C GLU A 90 8.04 6.50 -16.46
N LEU A 91 7.02 7.32 -16.61
CA LEU A 91 5.76 7.09 -15.93
C LEU A 91 4.79 6.40 -16.89
N CYS A 92 4.25 5.25 -16.46
CA CYS A 92 3.14 4.62 -17.16
C CYS A 92 1.87 5.15 -16.49
N THR A 93 1.15 6.04 -17.15
CA THR A 93 0.19 6.86 -16.42
C THR A 93 -1.05 6.09 -15.97
N LEU A 94 -1.34 4.90 -16.55
CA LEU A 94 -2.55 4.18 -16.15
C LEU A 94 -2.31 3.16 -15.05
N GLY A 95 -1.12 3.15 -14.46
CA GLY A 95 -0.91 2.44 -13.23
C GLY A 95 -0.52 0.97 -13.39
N GLU A 96 -0.73 0.25 -12.30
CA GLU A 96 -0.36 -1.14 -12.20
C GLU A 96 -1.38 -2.02 -12.92
N LEU A 97 -0.88 -3.08 -13.56
CA LEU A 97 -1.72 -3.92 -14.42
C LEU A 97 -2.81 -4.64 -13.63
N ARG A 98 -2.49 -5.16 -12.45
CA ARG A 98 -3.50 -5.89 -11.69
C ARG A 98 -4.69 -4.98 -11.38
N SER A 99 -4.41 -3.77 -10.90
CA SER A 99 -5.47 -2.81 -10.60
C SER A 99 -6.24 -2.44 -11.85
N PHE A 100 -5.51 -2.15 -12.94
CA PHE A 100 -6.13 -1.75 -14.19
C PHE A 100 -7.09 -2.82 -14.69
N LEU A 101 -6.66 -4.08 -14.61
CA LEU A 101 -7.50 -5.21 -15.01
C LEU A 101 -8.73 -5.35 -14.10
N GLN A 102 -8.54 -5.19 -12.78
CA GLN A 102 -9.68 -5.30 -11.89
C GLN A 102 -10.66 -4.15 -12.07
N VAL A 103 -10.14 -2.92 -12.15
CA VAL A 103 -11.01 -1.75 -12.26
C VAL A 103 -11.74 -1.71 -13.60
N ARG A 104 -11.08 -2.15 -14.67
CA ARG A 104 -11.65 -2.05 -16.01
C ARG A 104 -12.19 -3.38 -16.53
N LYS A 105 -12.37 -4.35 -15.64
CA LYS A 105 -12.77 -5.72 -15.96
C LYS A 105 -13.89 -5.80 -17.01
N PHE A 106 -14.85 -4.88 -16.97
CA PHE A 106 -15.98 -4.91 -17.89
C PHE A 106 -15.91 -3.86 -18.99
N SER A 107 -14.82 -3.11 -19.08
CA SER A 107 -14.57 -2.23 -20.21
C SER A 107 -13.47 -2.76 -21.12
N LEU A 108 -12.81 -3.83 -20.74
CA LEU A 108 -11.78 -4.46 -21.56
C LEU A 108 -12.39 -5.60 -22.37
N ASP A 109 -12.00 -5.71 -23.63
CA ASP A 109 -12.37 -6.85 -24.45
C ASP A 109 -11.24 -7.87 -24.48
N LEU A 110 -11.62 -9.12 -24.78
CA LEU A 110 -10.68 -10.24 -24.76
C LEU A 110 -9.40 -9.94 -25.55
N ALA A 111 -9.51 -9.26 -26.68
CA ALA A 111 -8.32 -9.04 -27.51
C ALA A 111 -7.39 -7.97 -26.94
N SER A 112 -7.88 -7.09 -26.08
CA SER A 112 -6.94 -6.23 -25.33
C SER A 112 -6.14 -7.05 -24.34
N LEU A 113 -6.78 -8.04 -23.70
CA LEU A 113 -6.08 -8.94 -22.78
C LEU A 113 -5.02 -9.74 -23.51
N ILE A 114 -5.36 -10.23 -24.69
CA ILE A 114 -4.39 -11.02 -25.46
C ILE A 114 -3.26 -10.13 -25.95
N LEU A 115 -3.58 -8.87 -26.26
CA LEU A 115 -2.56 -7.92 -26.67
C LEU A 115 -1.56 -7.66 -25.56
N TYR A 116 -2.04 -7.49 -24.32
CA TYR A 116 -1.11 -7.30 -23.20
C TYR A 116 -0.18 -8.50 -23.07
N ALA A 117 -0.73 -9.70 -23.19
CA ALA A 117 0.08 -10.92 -23.14
C ALA A 117 1.04 -10.95 -24.31
N TYR A 118 0.62 -10.45 -25.48
CA TYR A 118 1.51 -10.44 -26.63
C TYR A 118 2.66 -9.46 -26.40
N GLN A 119 2.36 -8.25 -25.92
CA GLN A 119 3.40 -7.26 -25.74
C GLN A 119 4.42 -7.70 -24.69
N LEU A 120 3.94 -8.35 -23.62
CA LEU A 120 4.86 -8.90 -22.62
C LEU A 120 5.74 -9.96 -23.23
N SER A 121 5.17 -10.81 -24.11
CA SER A 121 6.02 -11.77 -24.78
C SER A 121 7.08 -11.11 -25.66
N THR A 122 6.81 -9.91 -26.21
CA THR A 122 7.87 -9.28 -27.00
C THR A 122 8.98 -8.74 -26.09
N ALA A 123 8.64 -8.32 -24.88
CA ALA A 123 9.67 -7.87 -23.94
C ALA A 123 10.51 -9.05 -23.46
N LEU A 124 9.88 -10.20 -23.23
CA LEU A 124 10.59 -11.39 -22.77
C LEU A 124 11.36 -12.08 -23.88
N ALA A 125 10.87 -12.00 -25.13
CA ALA A 125 11.70 -12.44 -26.23
C ALA A 125 12.91 -11.53 -26.39
N TYR A 126 12.70 -10.22 -26.27
CA TYR A 126 13.83 -9.29 -26.21
C TYR A 126 14.79 -9.66 -25.08
N LEU A 127 14.28 -9.94 -23.88
CA LEU A 127 15.15 -10.29 -22.77
C LEU A 127 15.90 -11.58 -23.05
N GLU A 128 15.22 -12.59 -23.59
CA GLU A 128 15.87 -13.87 -23.88
C GLU A 128 16.95 -13.73 -24.96
N SER A 129 16.81 -12.76 -25.87
CA SER A 129 17.81 -12.52 -26.90
C SER A 129 19.10 -11.98 -26.30
N LYS A 130 19.00 -11.25 -25.19
CA LYS A 130 20.13 -10.80 -24.40
C LYS A 130 20.59 -11.85 -23.41
N ARG A 131 19.98 -13.03 -23.44
CA ARG A 131 20.33 -14.12 -22.54
C ARG A 131 20.15 -13.68 -21.09
N PHE A 132 19.11 -12.87 -20.87
CA PHE A 132 18.79 -12.36 -19.55
C PHE A 132 17.60 -13.12 -19.00
N VAL A 133 17.72 -13.59 -17.77
CA VAL A 133 16.65 -14.28 -17.06
C VAL A 133 16.10 -13.32 -16.01
N HIS A 134 14.80 -13.08 -16.08
CA HIS A 134 14.15 -12.02 -15.29
C HIS A 134 13.88 -12.45 -13.87
N ARG A 135 13.31 -13.65 -13.70
CA ARG A 135 13.09 -14.36 -12.43
C ARG A 135 11.80 -13.94 -11.72
N ASP A 136 11.07 -12.92 -12.20
CA ASP A 136 9.84 -12.57 -11.50
C ASP A 136 8.86 -11.96 -12.51
N ILE A 137 8.39 -12.82 -13.41
CA ILE A 137 7.33 -12.49 -14.35
C ILE A 137 5.98 -12.77 -13.66
N ALA A 138 5.24 -11.70 -13.40
CA ALA A 138 3.95 -11.76 -12.73
C ALA A 138 3.23 -10.50 -13.13
N ALA A 139 1.88 -10.55 -13.12
CA ALA A 139 1.13 -9.35 -13.49
C ALA A 139 1.51 -8.16 -12.62
N ARG A 140 1.87 -8.42 -11.35
CA ARG A 140 2.18 -7.35 -10.43
C ARG A 140 3.42 -6.56 -10.85
N ASN A 141 4.26 -7.12 -11.70
CA ASN A 141 5.43 -6.40 -12.17
C ASN A 141 5.20 -5.73 -13.51
N VAL A 142 3.95 -5.60 -13.94
CA VAL A 142 3.61 -4.94 -15.20
C VAL A 142 2.86 -3.65 -14.90
N LEU A 143 3.18 -2.59 -15.67
CA LEU A 143 2.49 -1.31 -15.63
C LEU A 143 1.77 -1.05 -16.95
N VAL A 144 0.78 -0.16 -16.89
CA VAL A 144 -0.04 0.16 -18.05
C VAL A 144 0.30 1.58 -18.46
N SER A 145 0.82 1.72 -19.68
CA SER A 145 1.20 3.01 -20.20
C SER A 145 0.10 3.61 -21.08
N ALA A 146 -0.78 2.77 -21.64
CA ALA A 146 -1.94 3.13 -22.43
C ALA A 146 -2.81 1.89 -22.52
N THR A 147 -4.09 2.10 -22.82
CA THR A 147 -5.03 0.97 -22.87
C THR A 147 -4.60 -0.10 -23.86
N ASP A 148 -3.68 0.20 -24.76
CA ASP A 148 -3.11 -0.77 -25.68
C ASP A 148 -1.58 -0.87 -25.54
N CYS A 149 -1.03 -0.56 -24.36
CA CYS A 149 0.42 -0.64 -24.20
C CYS A 149 0.77 -0.97 -22.76
N VAL A 150 1.40 -2.11 -22.55
CA VAL A 150 1.86 -2.53 -21.24
C VAL A 150 3.36 -2.71 -21.29
N LYS A 151 3.97 -2.56 -20.12
CA LYS A 151 5.42 -2.57 -19.98
C LYS A 151 5.80 -3.35 -18.73
N LEU A 152 6.73 -4.28 -18.90
CA LEU A 152 7.34 -5.00 -17.79
C LEU A 152 8.23 -4.09 -16.94
N GLY A 153 8.18 -4.29 -15.62
CA GLY A 153 9.07 -3.62 -14.69
C GLY A 153 9.74 -4.57 -13.71
N ASP A 154 10.29 -4.04 -12.61
CA ASP A 154 10.80 -4.84 -11.50
C ASP A 154 11.99 -5.70 -11.93
N PHE A 155 13.13 -5.04 -12.08
CA PHE A 155 14.37 -5.79 -12.39
C PHE A 155 15.30 -5.83 -11.17
N LEU A 174 9.36 -15.36 -1.29
CA LEU A 174 9.43 -15.86 -2.66
C LEU A 174 8.03 -15.93 -3.28
N PRO A 175 7.92 -15.57 -4.55
CA PRO A 175 6.64 -15.67 -5.25
C PRO A 175 6.34 -17.10 -5.67
N ILE A 176 6.09 -17.96 -4.68
CA ILE A 176 5.97 -19.40 -4.90
C ILE A 176 4.92 -19.72 -5.97
N LYS A 177 3.81 -19.00 -5.97
CA LYS A 177 2.71 -19.37 -6.84
C LYS A 177 2.98 -19.04 -8.30
N TRP A 178 4.04 -18.31 -8.59
CA TRP A 178 4.45 -18.06 -9.96
C TRP A 178 5.60 -18.95 -10.42
N MET A 179 6.30 -19.60 -9.49
CA MET A 179 7.63 -20.11 -9.80
C MET A 179 7.60 -21.49 -10.42
N ALA A 180 8.54 -21.73 -11.34
CA ALA A 180 8.69 -23.04 -11.92
C ALA A 180 9.12 -24.05 -10.86
N PRO A 181 8.73 -25.33 -11.03
CA PRO A 181 9.19 -26.43 -10.15
C PRO A 181 10.67 -26.41 -9.80
N GLU A 182 11.51 -26.29 -10.82
CA GLU A 182 12.95 -26.28 -10.63
C GLU A 182 13.39 -25.06 -9.83
N SER A 183 12.64 -23.96 -9.92
CA SER A 183 13.00 -22.80 -9.11
C SER A 183 12.71 -23.08 -7.63
N ILE A 184 11.52 -23.62 -7.34
CA ILE A 184 11.19 -23.96 -5.96
C ILE A 184 12.13 -25.04 -5.42
N ASN A 185 12.36 -26.09 -6.20
CA ASN A 185 13.09 -27.24 -5.70
C ASN A 185 14.59 -26.98 -5.60
N PHE A 186 15.18 -26.42 -6.65
CA PHE A 186 16.64 -26.37 -6.77
C PHE A 186 17.18 -24.96 -6.99
N ARG A 187 16.33 -23.93 -6.87
CA ARG A 187 16.72 -22.54 -7.12
C ARG A 187 17.30 -22.34 -8.52
N ARG A 188 16.85 -23.14 -9.47
CA ARG A 188 17.32 -23.03 -10.85
C ARG A 188 16.42 -22.04 -11.59
N PHE A 189 17.04 -21.00 -12.16
CA PHE A 189 16.34 -19.93 -12.88
C PHE A 189 16.95 -19.81 -14.27
N THR A 190 16.21 -20.23 -15.29
CA THR A 190 16.64 -20.17 -16.68
C THR A 190 15.55 -19.54 -17.54
N SER A 191 15.88 -19.34 -18.83
CA SER A 191 14.89 -18.85 -19.78
C SER A 191 13.61 -19.69 -19.71
N ALA A 192 13.75 -21.00 -19.50
CA ALA A 192 12.60 -21.90 -19.39
C ALA A 192 11.78 -21.64 -18.13
N SER A 193 12.40 -21.21 -17.02
CA SER A 193 11.57 -20.93 -15.85
C SER A 193 10.90 -19.57 -15.96
N ASP A 194 11.54 -18.62 -16.63
CA ASP A 194 10.83 -17.40 -17.02
C ASP A 194 9.60 -17.71 -17.87
N VAL A 195 9.70 -18.70 -18.78
CA VAL A 195 8.56 -19.16 -19.57
C VAL A 195 7.44 -19.70 -18.68
N TRP A 196 7.81 -20.50 -17.67
CA TRP A 196 6.83 -20.96 -16.70
C TRP A 196 6.06 -19.80 -16.10
N MET A 197 6.79 -18.77 -15.61
CA MET A 197 6.15 -17.67 -14.89
C MET A 197 5.29 -16.82 -15.81
N PHE A 198 5.78 -16.55 -17.01
CA PHE A 198 4.98 -15.87 -18.02
C PHE A 198 3.66 -16.61 -18.27
N GLY A 199 3.69 -17.94 -18.25
CA GLY A 199 2.45 -18.69 -18.30
C GLY A 199 1.49 -18.28 -17.20
N VAL A 200 2.01 -18.17 -15.97
CA VAL A 200 1.16 -17.77 -14.84
C VAL A 200 0.64 -16.36 -15.06
N CYS A 201 1.56 -15.43 -15.37
CA CYS A 201 1.19 -14.07 -15.73
C CYS A 201 0.12 -14.02 -16.83
N MET A 202 0.29 -14.79 -17.89
CA MET A 202 -0.73 -14.80 -18.95
C MET A 202 -2.09 -15.19 -18.38
N TRP A 203 -2.11 -16.19 -17.50
CA TRP A 203 -3.33 -16.58 -16.80
C TRP A 203 -3.91 -15.43 -15.99
N GLU A 204 -3.07 -14.75 -15.21
CA GLU A 204 -3.49 -13.59 -14.42
C GLU A 204 -4.19 -12.56 -15.27
N ILE A 205 -3.61 -12.23 -16.44
CA ILE A 205 -4.23 -11.26 -17.34
C ILE A 205 -5.58 -11.75 -17.80
N LEU A 206 -5.66 -13.01 -18.22
CA LEU A 206 -6.94 -13.55 -18.65
C LEU A 206 -7.95 -13.64 -17.52
N MET A 207 -7.50 -13.70 -16.26
CA MET A 207 -8.37 -13.73 -15.08
C MET A 207 -8.63 -12.35 -14.53
N HIS A 208 -8.28 -11.30 -15.27
CA HIS A 208 -8.52 -9.91 -14.90
C HIS A 208 -7.84 -9.51 -13.59
N GLY A 209 -6.69 -10.09 -13.30
CA GLY A 209 -5.90 -9.66 -12.15
C GLY A 209 -6.09 -10.49 -10.91
N VAL A 210 -6.79 -11.61 -11.00
CA VAL A 210 -6.94 -12.53 -9.89
C VAL A 210 -5.63 -13.31 -9.74
N LYS A 211 -5.16 -13.42 -8.50
CA LYS A 211 -3.90 -14.09 -8.23
C LYS A 211 -4.06 -15.60 -8.36
N PRO A 212 -3.02 -16.28 -8.85
CA PRO A 212 -3.11 -17.74 -9.00
C PRO A 212 -3.16 -18.42 -7.62
N PHE A 213 -3.87 -19.55 -7.57
CA PHE A 213 -3.92 -20.41 -6.38
C PHE A 213 -4.44 -19.66 -5.16
N GLN A 214 -5.46 -18.84 -5.38
CA GLN A 214 -6.04 -18.11 -4.26
C GLN A 214 -6.64 -19.09 -3.28
N GLY A 215 -6.50 -18.79 -1.99
CA GLY A 215 -6.94 -19.70 -0.94
C GLY A 215 -6.10 -20.95 -0.79
N VAL A 216 -4.94 -21.01 -1.43
CA VAL A 216 -3.98 -22.10 -1.24
C VAL A 216 -2.76 -21.52 -0.55
N LYS A 217 -2.23 -22.26 0.43
CA LYS A 217 -1.01 -21.80 1.08
C LYS A 217 0.16 -22.00 0.14
N ASN A 218 1.17 -21.13 0.27
CA ASN A 218 2.40 -21.31 -0.50
C ASN A 218 2.93 -22.72 -0.29
N ASN A 219 2.76 -23.25 0.93
CA ASN A 219 3.34 -24.52 1.33
C ASN A 219 2.79 -25.70 0.54
N ASP A 220 1.56 -25.61 0.06
CA ASP A 220 0.97 -26.71 -0.69
C ASP A 220 1.14 -26.55 -2.19
N VAL A 221 1.90 -25.55 -2.64
CA VAL A 221 1.98 -25.26 -4.07
C VAL A 221 2.82 -26.30 -4.79
N ILE A 222 4.06 -26.51 -4.32
CA ILE A 222 4.95 -27.43 -5.01
C ILE A 222 4.38 -28.83 -5.03
N GLY A 223 3.65 -29.22 -3.98
CA GLY A 223 3.09 -30.57 -3.94
C GLY A 223 2.01 -30.78 -4.98
N ARG A 224 1.11 -29.80 -5.12
CA ARG A 224 0.06 -29.93 -6.13
C ARG A 224 0.63 -29.78 -7.53
N ILE A 225 1.60 -28.89 -7.72
CA ILE A 225 2.28 -28.78 -9.02
C ILE A 225 2.93 -30.11 -9.38
N GLU A 226 3.64 -30.72 -8.42
CA GLU A 226 4.35 -31.96 -8.67
C GLU A 226 3.40 -33.10 -9.00
N ASN A 227 2.16 -33.02 -8.54
CA ASN A 227 1.14 -34.00 -8.85
C ASN A 227 0.33 -33.62 -10.07
N GLY A 228 0.82 -32.67 -10.86
CA GLY A 228 0.24 -32.33 -12.14
C GLY A 228 -0.90 -31.34 -12.11
N GLU A 229 -1.25 -30.80 -10.95
CA GLU A 229 -2.30 -29.80 -10.92
C GLU A 229 -1.83 -28.53 -11.61
N ARG A 230 -2.73 -27.89 -12.34
CA ARG A 230 -2.42 -26.62 -12.98
C ARG A 230 -3.57 -25.65 -12.77
N LEU A 231 -3.28 -24.38 -13.03
CA LEU A 231 -4.34 -23.38 -13.06
C LEU A 231 -5.36 -23.76 -14.12
N PRO A 232 -6.65 -23.67 -13.81
CA PRO A 232 -7.68 -23.96 -14.81
C PRO A 232 -7.69 -22.89 -15.88
N MET A 233 -8.52 -23.13 -16.87
CA MET A 233 -8.75 -22.15 -17.92
C MET A 233 -9.65 -21.03 -17.42
N PRO A 234 -9.26 -19.77 -17.59
CA PRO A 234 -10.11 -18.68 -17.12
C PRO A 234 -11.41 -18.66 -17.90
N PRO A 235 -12.49 -18.15 -17.29
CA PRO A 235 -13.73 -17.94 -18.06
C PRO A 235 -13.51 -16.96 -19.19
N ASN A 236 -14.01 -17.32 -20.36
CA ASN A 236 -13.93 -16.58 -21.61
C ASN A 236 -12.52 -16.56 -22.20
N CYS A 237 -11.58 -17.34 -21.63
CA CYS A 237 -10.25 -17.48 -22.23
C CYS A 237 -10.31 -18.41 -23.43
N PRO A 238 -9.86 -17.99 -24.60
CA PRO A 238 -9.88 -18.87 -25.78
C PRO A 238 -9.15 -20.17 -25.51
N PRO A 239 -9.70 -21.30 -25.95
CA PRO A 239 -9.06 -22.59 -25.66
C PRO A 239 -7.67 -22.71 -26.23
N THR A 240 -7.38 -22.03 -27.35
CA THR A 240 -6.04 -22.11 -27.89
C THR A 240 -5.05 -21.30 -27.05
N LEU A 241 -5.50 -20.20 -26.45
CA LEU A 241 -4.64 -19.46 -25.54
C LEU A 241 -4.36 -20.25 -24.27
N TYR A 242 -5.36 -20.98 -23.76
CA TYR A 242 -5.09 -21.80 -22.58
C TYR A 242 -4.12 -22.93 -22.91
N SER A 243 -4.21 -23.49 -24.12
CA SER A 243 -3.23 -24.47 -24.52
C SER A 243 -1.82 -23.88 -24.50
N LEU A 244 -1.69 -22.59 -24.83
CA LEU A 244 -0.38 -21.93 -24.75
C LEU A 244 0.12 -21.85 -23.32
N MET A 245 -0.77 -21.52 -22.38
CA MET A 245 -0.35 -21.49 -20.98
C MET A 245 0.13 -22.86 -20.54
N THR A 246 -0.61 -23.93 -20.90
CA THR A 246 -0.28 -25.25 -20.37
C THR A 246 1.04 -25.77 -20.93
N LYS A 247 1.41 -25.34 -22.15
CA LYS A 247 2.75 -25.67 -22.64
C LYS A 247 3.81 -24.98 -21.81
N CYS A 248 3.53 -23.77 -21.33
CA CYS A 248 4.47 -23.05 -20.49
C CYS A 248 4.68 -23.76 -19.17
N TRP A 249 3.76 -24.64 -18.79
CA TRP A 249 3.80 -25.28 -17.49
C TRP A 249 4.24 -26.74 -17.58
N ALA A 250 4.96 -27.10 -18.63
CA ALA A 250 5.50 -28.43 -18.69
C ALA A 250 6.43 -28.62 -17.50
N TYR A 251 6.27 -29.73 -16.78
CA TYR A 251 7.19 -29.95 -15.66
C TYR A 251 8.62 -29.94 -16.15
N ASP A 252 8.89 -30.68 -17.23
CA ASP A 252 10.24 -30.73 -17.78
C ASP A 252 10.57 -29.41 -18.46
N PRO A 253 11.56 -28.66 -17.98
CA PRO A 253 11.83 -27.35 -18.60
C PRO A 253 12.16 -27.44 -20.08
N SER A 254 12.77 -28.53 -20.53
CA SER A 254 13.14 -28.66 -21.93
C SER A 254 11.94 -28.81 -22.83
N ARG A 255 10.78 -29.18 -22.30
CA ARG A 255 9.58 -29.27 -23.12
C ARG A 255 8.85 -27.94 -23.23
N ARG A 256 9.34 -26.92 -22.60
CA ARG A 256 8.64 -25.65 -22.67
C ARG A 256 9.07 -24.86 -23.90
N PRO A 257 8.16 -24.08 -24.49
CA PRO A 257 8.55 -23.24 -25.63
C PRO A 257 9.47 -22.11 -25.19
N ARG A 258 10.05 -21.46 -26.18
CA ARG A 258 10.80 -20.24 -25.98
C ARG A 258 9.88 -19.05 -26.26
N PHE A 259 10.36 -17.86 -25.91
CA PHE A 259 9.50 -16.68 -26.00
C PHE A 259 9.27 -16.21 -27.43
N THR A 260 10.13 -16.60 -28.39
CA THR A 260 9.82 -16.25 -29.77
C THR A 260 8.64 -17.05 -30.28
N GLU A 261 8.55 -18.33 -29.87
CA GLU A 261 7.39 -19.13 -30.21
C GLU A 261 6.12 -18.55 -29.60
N LEU A 262 6.16 -18.25 -28.28
CA LEU A 262 4.99 -17.68 -27.60
C LEU A 262 4.52 -16.43 -28.32
N LYS A 263 5.44 -15.50 -28.60
CA LYS A 263 5.14 -14.24 -29.27
C LYS A 263 4.50 -14.45 -30.65
N ALA A 264 5.00 -15.41 -31.43
CA ALA A 264 4.39 -15.72 -32.73
C ALA A 264 2.95 -16.20 -32.56
N GLN A 265 2.75 -17.19 -31.68
CA GLN A 265 1.43 -17.76 -31.46
C GLN A 265 0.48 -16.74 -30.86
N LEU A 266 0.97 -15.91 -29.94
CA LEU A 266 0.11 -14.90 -29.35
C LEU A 266 -0.32 -13.89 -30.40
N SER A 267 0.55 -13.59 -31.37
CA SER A 267 0.14 -12.73 -32.48
C SER A 267 -0.99 -13.38 -33.29
N THR A 268 -0.93 -14.70 -33.49
CA THR A 268 -1.98 -15.37 -34.24
C THR A 268 -3.29 -15.41 -33.45
N ILE A 269 -3.24 -15.81 -32.18
CA ILE A 269 -4.45 -15.80 -31.35
C ILE A 269 -5.06 -14.40 -31.30
N LEU A 270 -4.22 -13.37 -31.33
CA LEU A 270 -4.69 -12.00 -31.23
C LEU A 270 -5.32 -11.53 -32.54
N GLU A 271 -4.63 -11.74 -33.67
CA GLU A 271 -5.20 -11.37 -34.96
C GLU A 271 -6.56 -12.03 -35.15
N GLU A 272 -6.66 -13.32 -34.81
CA GLU A 272 -7.93 -14.03 -34.94
C GLU A 272 -8.98 -13.45 -34.01
N GLU A 273 -8.58 -13.16 -32.77
CA GLU A 273 -9.51 -12.61 -31.81
C GLU A 273 -10.11 -11.30 -32.30
N LYS A 274 -9.33 -10.50 -33.04
CA LYS A 274 -9.82 -9.23 -33.53
C LYS A 274 -10.75 -9.36 -34.73
N LEU A 275 -10.75 -10.51 -35.40
CA LEU A 275 -11.76 -10.79 -36.41
C LEU A 275 -12.96 -11.50 -35.77
N ASP B 4 11.17 25.40 25.99
CA ASP B 4 10.98 23.96 26.07
C ASP B 4 10.64 23.38 24.69
N TYR B 5 9.38 23.56 24.28
CA TYR B 5 8.89 23.20 22.95
C TYR B 5 8.68 24.42 22.08
N GLU B 6 9.11 25.58 22.54
CA GLU B 6 8.98 26.78 21.73
C GLU B 6 9.86 26.65 20.48
N ILE B 7 9.34 27.11 19.36
CA ILE B 7 10.01 27.06 18.07
C ILE B 7 9.97 28.46 17.48
N GLN B 8 11.07 28.88 16.88
CA GLN B 8 11.15 30.17 16.24
C GLN B 8 10.28 30.19 14.99
N ARG B 9 9.32 31.13 14.92
CA ARG B 9 8.44 31.18 13.75
C ARG B 9 9.22 31.40 12.46
N GLU B 10 10.35 32.11 12.52
CA GLU B 10 11.18 32.26 11.32
C GLU B 10 11.63 30.91 10.76
N ARG B 11 11.51 29.84 11.55
CA ARG B 11 11.90 28.51 11.10
C ARG B 11 10.77 27.76 10.42
N ILE B 12 9.55 28.29 10.43
CA ILE B 12 8.40 27.63 9.83
C ILE B 12 8.00 28.40 8.58
N GLU B 13 7.89 27.70 7.46
CA GLU B 13 7.19 28.22 6.30
C GLU B 13 5.87 27.48 6.19
N LEU B 14 4.77 28.23 6.19
CA LEU B 14 3.45 27.66 6.08
C LEU B 14 3.20 27.16 4.67
N GLY B 15 2.49 26.06 4.55
CA GLY B 15 2.24 25.46 3.26
C GLY B 15 0.76 25.26 3.02
N ARG B 16 0.47 24.30 2.16
CA ARG B 16 -0.90 24.00 1.80
C ARG B 16 -1.72 23.62 3.04
N CYS B 17 -2.99 24.01 3.06
CA CYS B 17 -3.90 23.58 4.11
C CYS B 17 -4.30 22.13 3.89
N ILE B 18 -4.35 21.34 4.97
CA ILE B 18 -4.65 19.92 4.87
C ILE B 18 -5.88 19.50 5.65
N GLY B 19 -6.59 20.43 6.26
CA GLY B 19 -7.78 20.09 7.00
C GLY B 19 -8.15 21.18 7.99
N GLU B 20 -9.18 20.91 8.76
CA GLU B 20 -9.64 21.86 9.77
C GLU B 20 -9.94 21.11 11.06
N GLY B 21 -9.44 21.63 12.19
CA GLY B 21 -9.83 21.16 13.49
C GLY B 21 -10.83 22.11 14.15
N GLN B 22 -11.18 21.78 15.38
CA GLN B 22 -12.09 22.64 16.12
C GLN B 22 -11.47 23.99 16.46
N PHE B 23 -10.14 24.11 16.45
CA PHE B 23 -9.52 25.40 16.69
C PHE B 23 -9.16 26.12 15.41
N GLY B 24 -9.16 25.43 14.28
CA GLY B 24 -8.90 26.09 13.02
C GLY B 24 -8.17 25.19 12.06
N ASP B 25 -7.72 25.83 10.97
CA ASP B 25 -7.10 25.12 9.86
C ASP B 25 -5.81 24.44 10.29
N VAL B 26 -5.59 23.25 9.73
CA VAL B 26 -4.32 22.55 9.83
C VAL B 26 -3.60 22.74 8.50
N HIS B 27 -2.34 23.12 8.55
CA HIS B 27 -1.53 23.25 7.36
C HIS B 27 -0.40 22.23 7.39
N GLN B 28 0.14 21.93 6.21
CA GLN B 28 1.46 21.33 6.16
C GLN B 28 2.47 22.45 5.97
N GLY B 29 3.73 22.13 6.19
CA GLY B 29 4.73 23.16 6.08
C GLY B 29 6.11 22.57 6.10
N ILE B 30 7.09 23.46 6.27
CA ILE B 30 8.50 23.08 6.34
C ILE B 30 9.10 23.75 7.56
N TYR B 31 9.93 23.00 8.27
CA TYR B 31 10.63 23.47 9.45
C TYR B 31 12.08 23.04 9.28
N MET B 32 12.99 24.00 9.22
CA MET B 32 14.41 23.67 9.20
C MET B 32 14.94 23.92 10.61
N SER B 33 15.13 22.84 11.37
CA SER B 33 15.57 22.93 12.75
C SER B 33 17.04 23.27 12.82
N PRO B 34 17.47 24.03 13.82
CA PRO B 34 18.91 24.12 14.08
C PRO B 34 19.46 22.72 14.28
N GLU B 35 20.71 22.52 13.84
CA GLU B 35 21.43 21.24 13.79
C GLU B 35 20.67 20.15 13.01
N ASN B 36 19.66 20.51 12.24
CA ASN B 36 18.88 19.58 11.44
C ASN B 36 18.66 20.20 10.05
N PRO B 37 18.25 19.38 9.07
CA PRO B 37 17.93 19.95 7.74
C PRO B 37 16.48 20.38 7.65
N ALA B 38 15.97 20.52 6.43
CA ALA B 38 14.53 20.74 6.25
C ALA B 38 13.75 19.56 6.81
N MET B 39 12.54 19.86 7.29
CA MET B 39 11.63 18.86 7.83
C MET B 39 10.22 19.19 7.38
N ALA B 40 9.49 18.19 6.90
CA ALA B 40 8.08 18.40 6.61
C ALA B 40 7.29 18.26 7.91
N VAL B 41 6.35 19.19 8.12
CA VAL B 41 5.63 19.25 9.38
C VAL B 41 4.16 19.51 9.10
N ALA B 42 3.34 19.20 10.09
CA ALA B 42 1.94 19.58 10.09
C ALA B 42 1.74 20.64 11.18
N ILE B 43 1.00 21.68 10.82
CA ILE B 43 0.87 22.87 11.64
C ILE B 43 -0.61 23.01 12.00
N LYS B 44 -0.93 22.89 13.29
CA LYS B 44 -2.27 23.22 13.76
C LYS B 44 -2.29 24.71 14.08
N THR B 45 -3.33 25.40 13.64
CA THR B 45 -3.49 26.81 13.89
C THR B 45 -4.73 27.01 14.75
N CYS B 46 -4.74 28.09 15.50
CA CYS B 46 -5.85 28.39 16.39
C CYS B 46 -6.45 29.74 16.05
N LYS B 47 -7.68 29.72 15.57
CA LYS B 47 -8.38 30.92 15.18
C LYS B 47 -8.68 31.95 16.25
N ASN B 48 -9.16 31.47 17.39
CA ASN B 48 -9.53 32.31 18.51
C ASN B 48 -8.58 32.23 19.69
N CYS B 49 -7.28 32.09 19.40
CA CYS B 49 -6.24 31.98 20.40
C CYS B 49 -6.15 33.21 21.29
N THR B 50 -6.72 34.32 20.85
CA THR B 50 -6.73 35.56 21.63
C THR B 50 -7.45 35.31 22.95
N SER B 51 -8.49 34.49 22.95
CA SER B 51 -9.17 34.11 24.17
C SER B 51 -8.21 33.23 24.97
N ASP B 52 -8.00 33.59 26.25
CA ASP B 52 -7.06 32.84 27.09
C ASP B 52 -7.52 31.42 27.27
N SER B 53 -8.83 31.23 27.44
CA SER B 53 -9.38 29.91 27.61
C SER B 53 -9.16 29.05 26.38
N VAL B 54 -9.38 29.62 25.20
CA VAL B 54 -9.18 28.85 23.98
C VAL B 54 -7.72 28.46 23.83
N ARG B 55 -6.83 29.43 24.03
CA ARG B 55 -5.40 29.14 23.93
C ARG B 55 -4.97 28.04 24.90
N GLU B 56 -5.52 28.05 26.11
CA GLU B 56 -5.16 27.01 27.07
C GLU B 56 -5.61 25.64 26.58
N LYS B 57 -6.86 25.54 26.10
CA LYS B 57 -7.32 24.27 25.54
C LYS B 57 -6.46 23.86 24.34
N PHE B 58 -6.16 24.80 23.47
CA PHE B 58 -5.36 24.50 22.27
C PHE B 58 -3.97 23.98 22.65
N LEU B 59 -3.24 24.74 23.47
CA LEU B 59 -1.90 24.35 23.86
C LEU B 59 -1.90 23.05 24.65
N GLN B 60 -2.93 22.81 25.45
CA GLN B 60 -3.04 21.55 26.19
C GLN B 60 -3.11 20.34 25.28
N GLU B 61 -3.65 20.50 24.07
CA GLU B 61 -3.62 19.41 23.11
C GLU B 61 -2.19 19.04 22.72
N ALA B 62 -1.28 20.03 22.68
CA ALA B 62 0.12 19.73 22.46
C ALA B 62 0.75 19.01 23.66
N LEU B 63 0.43 19.43 24.87
CA LEU B 63 0.94 18.72 26.05
C LEU B 63 0.45 17.26 26.05
N THR B 64 -0.77 17.02 25.62
CA THR B 64 -1.25 15.64 25.55
C THR B 64 -0.35 14.78 24.67
N MET B 65 0.09 15.31 23.53
CA MET B 65 0.92 14.53 22.61
C MET B 65 2.38 14.46 23.06
N ARG B 66 2.80 15.41 23.88
CA ARG B 66 4.19 15.43 24.29
C ARG B 66 4.55 14.20 25.11
N GLN B 67 3.58 13.65 25.84
CA GLN B 67 3.83 12.53 26.75
C GLN B 67 4.01 11.19 26.04
N PHE B 68 3.85 11.13 24.72
CA PHE B 68 3.92 9.85 24.02
C PHE B 68 5.13 9.82 23.10
N ASP B 69 5.69 8.62 22.97
CA ASP B 69 6.86 8.50 22.11
C ASP B 69 6.79 7.08 21.51
N HIS B 70 6.20 7.01 20.32
CA HIS B 70 5.88 5.72 19.77
C HIS B 70 5.93 5.83 18.26
N PRO B 71 6.44 4.80 17.57
CA PRO B 71 6.57 4.88 16.11
C PRO B 71 5.24 5.03 15.37
N HIS B 72 4.12 4.62 15.95
CA HIS B 72 2.84 4.73 15.26
C HIS B 72 1.88 5.69 15.95
N ILE B 73 2.44 6.73 16.54
CA ILE B 73 1.70 7.88 17.05
C ILE B 73 2.43 9.13 16.57
N VAL B 74 1.69 10.10 16.01
CA VAL B 74 2.35 11.31 15.52
C VAL B 74 2.99 12.05 16.69
N LYS B 75 4.17 12.61 16.41
CA LYS B 75 4.98 13.24 17.43
C LYS B 75 4.75 14.75 17.40
N LEU B 76 4.69 15.33 18.59
CA LEU B 76 4.79 16.77 18.73
C LEU B 76 6.20 17.18 18.36
N ILE B 77 6.34 18.23 17.54
CA ILE B 77 7.64 18.82 17.26
C ILE B 77 7.87 20.07 18.10
N GLY B 78 6.82 20.85 18.34
CA GLY B 78 6.98 22.04 19.13
C GLY B 78 5.75 22.90 19.06
N VAL B 79 5.83 24.04 19.73
CA VAL B 79 4.72 24.97 19.82
C VAL B 79 5.28 26.37 19.60
N ILE B 80 4.44 27.24 19.06
CA ILE B 80 4.71 28.66 18.96
C ILE B 80 3.62 29.34 19.77
N THR B 81 3.98 29.88 20.93
CA THR B 81 2.94 30.36 21.84
C THR B 81 2.59 31.82 21.65
N GLU B 82 3.36 32.58 20.87
CA GLU B 82 2.90 33.93 20.60
C GLU B 82 1.95 33.93 19.42
N ASN B 83 0.99 34.84 19.44
CA ASN B 83 -0.03 34.90 18.41
C ASN B 83 0.62 35.17 17.05
N PRO B 84 0.24 34.45 15.98
CA PRO B 84 -0.73 33.34 16.02
C PRO B 84 -0.16 32.05 16.59
N VAL B 85 -0.85 31.50 17.58
CA VAL B 85 -0.41 30.30 18.26
C VAL B 85 -0.52 29.11 17.32
N TRP B 86 0.56 28.35 17.22
CA TRP B 86 0.65 27.19 16.34
C TRP B 86 1.12 25.98 17.13
N ILE B 87 0.67 24.81 16.71
CA ILE B 87 1.27 23.55 17.13
C ILE B 87 1.91 22.93 15.91
N ILE B 88 3.14 22.46 16.07
CA ILE B 88 3.89 21.83 14.98
C ILE B 88 4.02 20.36 15.31
N MET B 89 3.50 19.51 14.41
CA MET B 89 3.49 18.05 14.48
C MET B 89 4.36 17.47 13.38
N GLU B 90 4.77 16.23 13.58
CA GLU B 90 5.34 15.43 12.49
C GLU B 90 4.31 15.28 11.36
N LEU B 91 4.76 15.31 10.11
CA LEU B 91 3.85 15.22 8.98
C LEU B 91 3.74 13.79 8.50
N CYS B 92 2.49 13.34 8.31
CA CYS B 92 2.20 12.09 7.63
C CYS B 92 1.83 12.48 6.21
N THR B 93 2.75 12.26 5.27
CA THR B 93 2.67 12.90 3.96
C THR B 93 1.56 12.32 3.09
N LEU B 94 1.14 11.09 3.36
CA LEU B 94 0.09 10.46 2.55
C LEU B 94 -1.30 10.74 3.10
N GLY B 95 -1.41 11.48 4.20
CA GLY B 95 -2.69 11.99 4.60
C GLY B 95 -3.50 11.04 5.44
N GLU B 96 -4.82 11.20 5.37
CA GLU B 96 -5.77 10.46 6.20
C GLU B 96 -6.04 9.07 5.63
N LEU B 97 -6.22 8.10 6.55
CA LEU B 97 -6.30 6.69 6.18
C LEU B 97 -7.52 6.39 5.30
N ARG B 98 -8.68 6.92 5.69
CA ARG B 98 -9.92 6.58 4.99
C ARG B 98 -9.84 6.96 3.51
N SER B 99 -9.44 8.20 3.22
CA SER B 99 -9.25 8.62 1.83
C SER B 99 -8.25 7.72 1.12
N PHE B 100 -7.08 7.53 1.75
CA PHE B 100 -6.07 6.58 1.25
C PHE B 100 -6.69 5.22 0.93
N LEU B 101 -7.42 4.64 1.88
CA LEU B 101 -8.01 3.32 1.65
C LEU B 101 -9.00 3.35 0.47
N GLN B 102 -9.82 4.40 0.37
CA GLN B 102 -10.80 4.48 -0.71
C GLN B 102 -10.09 4.56 -2.06
N VAL B 103 -9.08 5.42 -2.15
CA VAL B 103 -8.44 5.72 -3.43
C VAL B 103 -7.63 4.53 -3.92
N ARG B 104 -6.88 3.89 -3.03
CA ARG B 104 -6.02 2.79 -3.43
C ARG B 104 -6.68 1.43 -3.21
N LYS B 105 -8.01 1.41 -3.13
CA LYS B 105 -8.73 0.18 -2.80
C LYS B 105 -8.27 -1.01 -3.62
N PHE B 106 -8.04 -0.82 -4.92
CA PHE B 106 -7.68 -1.93 -5.81
C PHE B 106 -6.17 -2.11 -5.93
N SER B 107 -5.40 -1.40 -5.11
CA SER B 107 -3.95 -1.47 -5.06
C SER B 107 -3.40 -2.02 -3.76
N LEU B 108 -4.11 -1.87 -2.65
CA LEU B 108 -3.60 -2.37 -1.38
C LEU B 108 -3.77 -3.90 -1.30
N ASP B 109 -2.69 -4.59 -1.01
CA ASP B 109 -2.79 -6.00 -0.62
C ASP B 109 -3.57 -6.13 0.69
N LEU B 110 -4.27 -7.25 0.85
CA LEU B 110 -4.82 -7.56 2.16
C LEU B 110 -3.73 -7.61 3.21
N ALA B 111 -2.51 -7.96 2.81
CA ALA B 111 -1.39 -7.95 3.74
C ALA B 111 -1.14 -6.54 4.29
N SER B 112 -1.27 -5.52 3.43
CA SER B 112 -1.12 -4.14 3.88
C SER B 112 -2.26 -3.73 4.82
N LEU B 113 -3.50 -4.17 4.52
CA LEU B 113 -4.63 -3.88 5.39
C LEU B 113 -4.41 -4.44 6.78
N ILE B 114 -3.91 -5.69 6.86
CA ILE B 114 -3.64 -6.28 8.16
C ILE B 114 -2.46 -5.60 8.82
N LEU B 115 -1.44 -5.22 8.03
CA LEU B 115 -0.29 -4.55 8.64
C LEU B 115 -0.71 -3.27 9.34
N TYR B 116 -1.63 -2.52 8.72
CA TYR B 116 -2.15 -1.31 9.34
C TYR B 116 -2.81 -1.61 10.67
N ALA B 117 -3.69 -2.61 10.69
CA ALA B 117 -4.33 -3.01 11.93
C ALA B 117 -3.30 -3.42 12.98
N TYR B 118 -2.30 -4.20 12.57
CA TYR B 118 -1.23 -4.58 13.50
C TYR B 118 -0.51 -3.35 14.04
N GLN B 119 -0.17 -2.40 13.15
CA GLN B 119 0.59 -1.24 13.60
C GLN B 119 -0.23 -0.40 14.57
N LEU B 120 -1.52 -0.24 14.28
CA LEU B 120 -2.39 0.50 15.20
C LEU B 120 -2.54 -0.20 16.55
N SER B 121 -2.66 -1.54 16.55
CA SER B 121 -2.69 -2.25 17.82
C SER B 121 -1.41 -2.03 18.62
N THR B 122 -0.31 -1.74 17.92
CA THR B 122 0.96 -1.50 18.59
C THR B 122 0.93 -0.17 19.34
N ALA B 123 0.38 0.87 18.70
CA ALA B 123 0.19 2.17 19.34
C ALA B 123 -0.77 2.08 20.52
N LEU B 124 -1.87 1.35 20.32
CA LEU B 124 -2.88 1.19 21.37
C LEU B 124 -2.37 0.32 22.51
N ALA B 125 -1.55 -0.71 22.20
CA ALA B 125 -0.92 -1.42 23.30
C ALA B 125 -0.02 -0.49 24.10
N TYR B 126 0.68 0.42 23.41
CA TYR B 126 1.56 1.34 24.11
C TYR B 126 0.75 2.30 24.98
N LEU B 127 -0.33 2.86 24.44
CA LEU B 127 -1.20 3.73 25.22
C LEU B 127 -1.76 3.01 26.44
N GLU B 128 -2.21 1.76 26.25
CA GLU B 128 -2.69 0.97 27.39
C GLU B 128 -1.57 0.76 28.41
N SER B 129 -0.34 0.52 27.93
CA SER B 129 0.78 0.37 28.86
C SER B 129 1.02 1.63 29.70
N LYS B 130 0.52 2.79 29.26
CA LYS B 130 0.59 4.03 30.04
C LYS B 130 -0.70 4.31 30.78
N ARG B 131 -1.63 3.34 30.79
CA ARG B 131 -2.94 3.53 31.43
C ARG B 131 -3.63 4.78 30.86
N PHE B 132 -3.43 5.00 29.57
CA PHE B 132 -4.05 6.12 28.89
C PHE B 132 -5.17 5.59 28.00
N VAL B 133 -6.35 6.21 28.11
CA VAL B 133 -7.53 5.79 27.37
C VAL B 133 -7.79 6.85 26.30
N HIS B 134 -7.79 6.42 25.05
CA HIS B 134 -7.84 7.33 23.92
C HIS B 134 -9.24 7.89 23.71
N ARG B 135 -10.25 7.03 23.65
CA ARG B 135 -11.69 7.33 23.50
C ARG B 135 -12.12 7.77 22.11
N ASP B 136 -11.24 7.82 21.12
CA ASP B 136 -11.59 8.43 19.83
C ASP B 136 -10.93 7.66 18.70
N ILE B 137 -10.92 6.33 18.85
CA ILE B 137 -10.28 5.42 17.93
C ILE B 137 -11.23 5.16 16.76
N ALA B 138 -10.77 5.47 15.56
CA ALA B 138 -11.61 5.45 14.38
C ALA B 138 -10.70 5.59 13.18
N ALA B 139 -11.04 4.94 12.07
CA ALA B 139 -10.24 5.08 10.86
C ALA B 139 -10.03 6.54 10.49
N ARG B 140 -11.01 7.40 10.80
CA ARG B 140 -10.91 8.83 10.50
C ARG B 140 -9.68 9.46 11.13
N ASN B 141 -9.23 8.93 12.27
CA ASN B 141 -8.17 9.51 13.06
C ASN B 141 -6.82 8.85 12.81
N VAL B 142 -6.75 7.93 11.85
CA VAL B 142 -5.51 7.26 11.50
C VAL B 142 -4.90 7.97 10.31
N LEU B 143 -3.60 8.26 10.39
CA LEU B 143 -2.86 8.92 9.32
C LEU B 143 -1.91 7.92 8.68
N VAL B 144 -1.45 8.27 7.49
CA VAL B 144 -0.59 7.40 6.69
C VAL B 144 0.72 8.14 6.45
N SER B 145 1.80 7.63 7.04
CA SER B 145 3.15 8.15 6.84
C SER B 145 3.78 7.59 5.58
N ALA B 146 3.43 6.35 5.23
CA ALA B 146 3.96 5.66 4.06
C ALA B 146 2.99 4.53 3.77
N THR B 147 3.17 3.87 2.61
CA THR B 147 2.26 2.79 2.25
C THR B 147 2.39 1.61 3.22
N ASP B 148 3.49 1.52 3.96
CA ASP B 148 3.67 0.49 4.96
C ASP B 148 3.81 1.09 6.36
N CYS B 149 3.15 2.22 6.62
CA CYS B 149 3.23 2.81 7.96
C CYS B 149 2.07 3.76 8.23
N VAL B 150 1.25 3.43 9.22
CA VAL B 150 0.17 4.32 9.66
C VAL B 150 0.44 4.73 11.09
N LYS B 151 -0.19 5.83 11.49
CA LYS B 151 0.00 6.40 12.80
C LYS B 151 -1.32 6.96 13.29
N LEU B 152 -1.58 6.77 14.58
CA LEU B 152 -2.63 7.54 15.23
C LEU B 152 -2.34 9.01 15.07
N GLY B 153 -3.35 9.77 14.68
CA GLY B 153 -3.20 11.19 14.47
C GLY B 153 -3.28 11.96 15.78
N ASP B 154 -3.31 13.29 15.65
CA ASP B 154 -3.30 14.15 16.81
C ASP B 154 -4.52 13.86 17.67
N PHE B 155 -4.30 13.70 18.97
CA PHE B 155 -5.43 13.28 19.80
C PHE B 155 -6.46 14.41 19.91
N GLY B 156 -6.01 15.66 19.90
CA GLY B 156 -6.96 16.78 19.82
C GLY B 156 -7.72 16.81 18.52
N LEU B 157 -7.04 16.56 17.40
CA LEU B 157 -7.77 16.54 16.14
C LEU B 157 -8.70 15.34 16.06
N SER B 158 -8.46 14.30 16.87
CA SER B 158 -9.33 13.14 16.81
C SER B 158 -10.65 13.35 17.50
N ARG B 159 -10.84 14.52 18.12
CA ARG B 159 -12.02 14.94 18.89
C ARG B 159 -11.89 14.52 20.35
N LEU B 174 -21.59 12.95 18.96
CA LEU B 174 -20.95 11.78 19.57
C LEU B 174 -20.70 10.69 18.54
N PRO B 175 -19.58 10.01 18.63
CA PRO B 175 -19.28 8.95 17.65
C PRO B 175 -19.98 7.63 17.99
N ILE B 176 -21.32 7.67 18.02
CA ILE B 176 -22.10 6.53 18.52
C ILE B 176 -21.72 5.25 17.78
N LYS B 177 -21.55 5.32 16.46
CA LYS B 177 -21.38 4.08 15.69
C LYS B 177 -20.04 3.41 15.94
N TRP B 178 -19.14 4.06 16.67
CA TRP B 178 -17.85 3.52 17.06
C TRP B 178 -17.79 3.11 18.52
N MET B 179 -18.70 3.61 19.36
CA MET B 179 -18.50 3.54 20.80
C MET B 179 -18.97 2.22 21.38
N ALA B 180 -18.30 1.78 22.45
CA ALA B 180 -18.75 0.61 23.17
C ALA B 180 -20.10 0.91 23.84
N PRO B 181 -20.95 -0.11 24.03
CA PRO B 181 -22.26 0.15 24.67
C PRO B 181 -22.15 0.83 26.01
N GLU B 182 -21.16 0.45 26.84
CA GLU B 182 -21.08 1.06 28.16
C GLU B 182 -20.67 2.53 28.09
N SER B 183 -20.01 2.94 27.01
CA SER B 183 -19.69 4.35 26.78
C SER B 183 -20.94 5.11 26.31
N ILE B 184 -21.75 4.47 25.47
CA ILE B 184 -23.03 5.05 25.08
C ILE B 184 -23.94 5.16 26.31
N ASN B 185 -24.15 4.03 27.00
CA ASN B 185 -25.14 3.97 28.07
C ASN B 185 -24.70 4.64 29.36
N PHE B 186 -23.40 4.58 29.68
CA PHE B 186 -22.94 5.03 31.00
C PHE B 186 -21.74 5.97 30.94
N ARG B 187 -21.37 6.47 29.76
CA ARG B 187 -20.19 7.32 29.55
C ARG B 187 -18.92 6.70 30.15
N ARG B 188 -18.88 5.38 30.32
CA ARG B 188 -17.68 4.71 30.82
C ARG B 188 -16.70 4.51 29.67
N PHE B 189 -15.48 5.03 29.84
CA PHE B 189 -14.39 4.88 28.88
C PHE B 189 -13.22 4.23 29.58
N THR B 190 -12.82 3.05 29.11
CA THR B 190 -11.71 2.31 29.70
C THR B 190 -10.86 1.81 28.56
N SER B 191 -9.88 0.97 28.87
CA SER B 191 -9.11 0.34 27.82
C SER B 191 -9.95 -0.71 27.10
N ALA B 192 -10.94 -1.30 27.79
CA ALA B 192 -11.80 -2.27 27.13
C ALA B 192 -12.67 -1.61 26.09
N SER B 193 -13.14 -0.38 26.37
CA SER B 193 -13.92 0.35 25.39
C SER B 193 -13.05 0.85 24.24
N ASP B 194 -11.79 1.20 24.52
CA ASP B 194 -10.84 1.44 23.43
C ASP B 194 -10.76 0.21 22.53
N VAL B 195 -10.81 -0.99 23.13
CA VAL B 195 -10.72 -2.23 22.37
C VAL B 195 -11.96 -2.40 21.48
N TRP B 196 -13.14 -1.97 21.97
CA TRP B 196 -14.34 -2.00 21.13
C TRP B 196 -14.17 -1.11 19.90
N MET B 197 -13.77 0.15 20.12
CA MET B 197 -13.58 1.07 19.02
C MET B 197 -12.51 0.57 18.06
N PHE B 198 -11.48 -0.10 18.59
CA PHE B 198 -10.46 -0.64 17.70
C PHE B 198 -11.04 -1.68 16.75
N GLY B 199 -11.96 -2.52 17.24
CA GLY B 199 -12.60 -3.48 16.35
C GLY B 199 -13.33 -2.81 15.21
N VAL B 200 -14.09 -1.75 15.52
CA VAL B 200 -14.74 -0.97 14.47
C VAL B 200 -13.71 -0.40 13.49
N CYS B 201 -12.60 0.11 14.02
CA CYS B 201 -11.56 0.67 13.16
C CYS B 201 -10.96 -0.41 12.26
N MET B 202 -10.78 -1.62 12.79
CA MET B 202 -10.31 -2.71 11.94
C MET B 202 -11.32 -3.06 10.86
N TRP B 203 -12.61 -2.93 11.17
CA TRP B 203 -13.62 -3.22 10.16
C TRP B 203 -13.58 -2.16 9.08
N GLU B 204 -13.43 -0.89 9.47
CA GLU B 204 -13.28 0.18 8.47
C GLU B 204 -12.09 -0.10 7.56
N ILE B 205 -10.97 -0.55 8.15
CA ILE B 205 -9.76 -0.78 7.36
C ILE B 205 -10.02 -1.85 6.33
N LEU B 206 -10.58 -2.98 6.75
CA LEU B 206 -10.81 -4.07 5.83
C LEU B 206 -11.95 -3.79 4.86
N MET B 207 -12.82 -2.83 5.19
CA MET B 207 -13.86 -2.36 4.28
C MET B 207 -13.38 -1.23 3.37
N HIS B 208 -12.08 -0.88 3.42
CA HIS B 208 -11.48 0.11 2.53
C HIS B 208 -12.00 1.52 2.79
N GLY B 209 -12.27 1.84 4.05
CA GLY B 209 -12.69 3.18 4.41
C GLY B 209 -14.17 3.46 4.37
N VAL B 210 -15.01 2.43 4.21
CA VAL B 210 -16.44 2.59 4.39
C VAL B 210 -16.74 2.82 5.87
N LYS B 211 -17.67 3.72 6.16
CA LYS B 211 -17.97 3.96 7.56
C LYS B 211 -18.83 2.83 8.11
N PRO B 212 -18.74 2.55 9.41
CA PRO B 212 -19.66 1.58 10.02
C PRO B 212 -21.09 2.10 10.03
N PHE B 213 -22.03 1.15 9.95
CA PHE B 213 -23.46 1.42 10.11
C PHE B 213 -23.96 2.52 9.19
N GLN B 214 -23.48 2.53 7.95
CA GLN B 214 -23.86 3.60 7.03
C GLN B 214 -25.36 3.59 6.77
N GLY B 215 -25.95 4.78 6.69
CA GLY B 215 -27.38 4.92 6.50
C GLY B 215 -28.24 4.56 7.68
N VAL B 216 -27.63 4.25 8.83
CA VAL B 216 -28.38 3.90 10.04
C VAL B 216 -28.32 5.08 11.00
N LYS B 217 -29.47 5.40 11.61
CA LYS B 217 -29.48 6.42 12.64
C LYS B 217 -28.78 5.91 13.89
N ASN B 218 -28.19 6.85 14.64
CA ASN B 218 -27.41 6.46 15.82
C ASN B 218 -28.28 5.79 16.87
N ASN B 219 -29.50 6.30 17.07
CA ASN B 219 -30.39 5.72 18.06
C ASN B 219 -30.73 4.28 17.72
N ASP B 220 -30.74 3.95 16.42
CA ASP B 220 -30.99 2.58 15.98
C ASP B 220 -29.79 1.68 16.22
N VAL B 221 -28.58 2.25 16.25
CA VAL B 221 -27.37 1.44 16.35
C VAL B 221 -27.28 0.76 17.71
N ILE B 222 -27.55 1.51 18.79
CA ILE B 222 -27.49 0.90 20.12
C ILE B 222 -28.50 -0.24 20.22
N GLY B 223 -29.66 -0.11 19.57
CA GLY B 223 -30.65 -1.16 19.62
C GLY B 223 -30.18 -2.44 18.94
N ARG B 224 -29.57 -2.30 17.77
CA ARG B 224 -29.01 -3.48 17.09
C ARG B 224 -27.88 -4.10 17.90
N ILE B 225 -26.98 -3.27 18.44
CA ILE B 225 -25.86 -3.82 19.20
C ILE B 225 -26.37 -4.54 20.44
N GLU B 226 -27.28 -3.89 21.18
CA GLU B 226 -27.88 -4.53 22.34
C GLU B 226 -28.62 -5.80 21.95
N ASN B 227 -29.25 -5.81 20.77
CA ASN B 227 -29.89 -7.02 20.29
C ASN B 227 -28.89 -8.08 19.85
N GLY B 228 -27.59 -7.80 19.87
CA GLY B 228 -26.58 -8.76 19.44
C GLY B 228 -26.13 -8.64 18.00
N GLU B 229 -26.70 -7.73 17.22
CA GLU B 229 -26.21 -7.51 15.86
C GLU B 229 -24.80 -6.92 15.91
N ARG B 230 -23.97 -7.36 14.99
CA ARG B 230 -22.59 -6.88 14.85
C ARG B 230 -22.36 -6.47 13.40
N LEU B 231 -21.30 -5.69 13.18
CA LEU B 231 -20.92 -5.38 11.82
C LEU B 231 -20.58 -6.67 11.06
N PRO B 232 -20.95 -6.77 9.79
CA PRO B 232 -20.73 -8.00 9.04
C PRO B 232 -19.26 -8.21 8.72
N MET B 233 -18.93 -9.46 8.45
CA MET B 233 -17.58 -9.76 7.99
C MET B 233 -17.34 -9.08 6.64
N PRO B 234 -16.33 -8.21 6.55
CA PRO B 234 -16.08 -7.56 5.27
C PRO B 234 -15.70 -8.57 4.21
N PRO B 235 -16.04 -8.31 2.95
CA PRO B 235 -15.57 -9.16 1.85
C PRO B 235 -14.07 -9.38 1.90
N ASN B 236 -13.66 -10.62 1.66
CA ASN B 236 -12.27 -11.01 1.55
C ASN B 236 -11.51 -10.85 2.87
N CYS B 237 -12.21 -10.60 3.99
CA CYS B 237 -11.55 -10.60 5.29
C CYS B 237 -11.31 -12.03 5.77
N PRO B 238 -10.16 -12.32 6.35
CA PRO B 238 -9.92 -13.68 6.86
C PRO B 238 -10.84 -13.96 8.03
N PRO B 239 -11.52 -15.10 8.03
CA PRO B 239 -12.39 -15.44 9.17
C PRO B 239 -11.74 -15.23 10.52
N THR B 240 -10.49 -15.71 10.66
CA THR B 240 -9.73 -15.50 11.88
C THR B 240 -9.71 -14.04 12.30
N LEU B 241 -9.54 -13.13 11.34
CA LEU B 241 -9.54 -11.70 11.62
C LEU B 241 -10.93 -11.20 12.00
N TYR B 242 -11.96 -11.63 11.26
CA TYR B 242 -13.31 -11.25 11.66
C TYR B 242 -13.61 -11.75 13.06
N SER B 243 -13.14 -12.96 13.39
CA SER B 243 -13.39 -13.49 14.72
C SER B 243 -12.69 -12.64 15.77
N LEU B 244 -11.55 -12.04 15.41
CA LEU B 244 -10.88 -11.12 16.32
C LEU B 244 -11.73 -9.87 16.56
N MET B 245 -12.28 -9.31 15.48
CA MET B 245 -13.22 -8.20 15.60
C MET B 245 -14.36 -8.55 16.55
N THR B 246 -15.00 -9.70 16.35
CA THR B 246 -16.15 -10.02 17.20
C THR B 246 -15.74 -10.14 18.67
N LYS B 247 -14.55 -10.67 18.95
CA LYS B 247 -14.05 -10.66 20.34
C LYS B 247 -13.96 -9.24 20.89
N CYS B 248 -13.52 -8.27 20.07
CA CYS B 248 -13.48 -6.88 20.54
C CYS B 248 -14.87 -6.31 20.79
N TRP B 249 -15.90 -6.89 20.17
CA TRP B 249 -17.25 -6.37 20.31
C TRP B 249 -18.08 -7.20 21.27
N ALA B 250 -17.42 -7.83 22.23
CA ALA B 250 -18.15 -8.46 23.33
C ALA B 250 -18.92 -7.37 24.07
N TYR B 251 -20.22 -7.59 24.25
CA TYR B 251 -20.99 -6.63 25.02
C TYR B 251 -20.38 -6.42 26.40
N ASP B 252 -19.92 -7.50 26.99
CA ASP B 252 -19.29 -7.47 28.31
C ASP B 252 -17.84 -6.99 28.17
N PRO B 253 -17.49 -5.82 28.72
CA PRO B 253 -16.11 -5.33 28.58
C PRO B 253 -15.06 -6.26 29.16
N SER B 254 -15.36 -6.96 30.25
CA SER B 254 -14.35 -7.83 30.84
C SER B 254 -14.05 -9.05 29.97
N ARG B 255 -14.83 -9.30 28.92
CA ARG B 255 -14.52 -10.40 28.00
C ARG B 255 -13.71 -9.95 26.79
N ARG B 256 -13.49 -8.67 26.62
CA ARG B 256 -12.69 -8.17 25.49
C ARG B 256 -11.21 -8.41 25.75
N PRO B 257 -10.45 -8.80 24.74
CA PRO B 257 -9.02 -8.93 24.93
C PRO B 257 -8.41 -7.56 25.19
N ARG B 258 -7.21 -7.57 25.73
CA ARG B 258 -6.38 -6.38 25.77
C ARG B 258 -5.59 -6.28 24.47
N PHE B 259 -4.90 -5.15 24.28
CA PHE B 259 -4.25 -4.86 23.01
C PHE B 259 -3.04 -5.76 22.77
N THR B 260 -2.39 -6.19 23.85
CA THR B 260 -1.25 -7.10 23.71
C THR B 260 -1.67 -8.40 23.03
N GLU B 261 -2.80 -8.97 23.46
CA GLU B 261 -3.38 -10.11 22.76
C GLU B 261 -3.76 -9.76 21.32
N LEU B 262 -4.40 -8.61 21.13
CA LEU B 262 -4.78 -8.22 19.77
C LEU B 262 -3.56 -8.14 18.87
N LYS B 263 -2.50 -7.51 19.36
CA LYS B 263 -1.28 -7.33 18.57
C LYS B 263 -0.67 -8.67 18.21
N ALA B 264 -0.58 -9.58 19.18
CA ALA B 264 -0.02 -10.90 18.95
C ALA B 264 -0.86 -11.71 17.98
N GLN B 265 -2.19 -11.65 18.10
CA GLN B 265 -3.03 -12.36 17.14
C GLN B 265 -2.95 -11.72 15.75
N LEU B 266 -2.83 -10.39 15.69
CA LEU B 266 -2.68 -9.72 14.41
C LEU B 266 -1.37 -10.09 13.72
N SER B 267 -0.30 -10.32 14.50
CA SER B 267 0.95 -10.69 13.84
C SER B 267 0.87 -12.11 13.30
N THR B 268 0.06 -12.96 13.91
CA THR B 268 -0.15 -14.30 13.36
C THR B 268 -0.99 -14.24 12.09
N ILE B 269 -2.12 -13.54 12.16
CA ILE B 269 -2.96 -13.30 10.98
C ILE B 269 -2.13 -12.74 9.83
N LEU B 270 -1.26 -11.77 10.12
CA LEU B 270 -0.42 -11.21 9.08
C LEU B 270 0.51 -12.26 8.48
N GLU B 271 1.20 -13.02 9.33
CA GLU B 271 2.09 -14.06 8.82
C GLU B 271 1.31 -15.11 8.02
N GLU B 272 0.06 -15.36 8.39
CA GLU B 272 -0.77 -16.27 7.60
C GLU B 272 -1.09 -15.69 6.23
N GLU B 273 -1.27 -14.37 6.13
CA GLU B 273 -1.51 -13.79 4.82
C GLU B 273 -0.24 -13.80 3.98
N LYS B 274 0.91 -13.56 4.61
CA LYS B 274 2.16 -13.57 3.88
C LYS B 274 2.64 -14.98 3.52
N LEU B 275 2.02 -16.01 4.08
CA LEU B 275 2.16 -17.37 3.56
C LEU B 275 1.01 -17.74 2.63
N GLN B 276 0.11 -16.79 2.35
CA GLN B 276 -1.09 -16.94 1.49
C GLN B 276 -2.16 -17.87 2.07
C4 EUQ C . 5.86 2.66 -11.65
C5 EUQ C . 6.78 2.90 -12.67
C6 EUQ C . 6.39 3.62 -13.78
N1 EUQ C . 5.10 4.09 -13.83
N3 EUQ C . 4.63 3.16 -11.77
C2 EUQ C . 4.23 3.85 -12.84
CAA EUQ C . -9.89 4.71 -11.88
CAB EUQ C . 6.64 -2.86 -11.02
CAF EUQ C . -10.76 3.97 -10.87
CAG EUQ C . 3.72 1.82 -7.98
CAH EUQ C . 3.77 0.47 -7.66
CAI EUQ C . 4.55 2.34 -8.96
CAJ EUQ C . 4.66 -0.36 -8.32
CAK EUQ C . -0.04 5.25 -11.37
CAL EUQ C . 0.84 3.33 -10.24
CAM EUQ C . 1.03 5.27 -12.24
CAN EUQ C . 1.91 3.34 -11.13
CAP EUQ C . -5.52 5.68 -9.19
CAQ EUQ C . -8.11 4.28 -8.17
CAR EUQ C . -7.57 5.67 -7.80
CAS EUQ C . -1.25 4.32 -9.51
CAT EUQ C . -3.14 5.72 -10.03
CBD EUQ C . -10.11 3.80 -9.49
CBE EUQ C . 6.39 -0.71 -9.95
CBG EUQ C . -0.15 4.29 -10.38
CBH EUQ C . 2.02 4.30 -12.11
CBI EUQ C . -4.23 5.72 -8.94
CBK EUQ C . 5.45 1.51 -9.63
CBL EUQ C . 5.51 0.16 -9.29
NAV EUQ C . -4.03 5.76 -7.61
NAW EUQ C . -5.18 5.75 -7.07
NAY EUQ C . 5.83 -1.87 -10.30
NAZ EUQ C . -1.78 5.69 -9.44
NBA EUQ C . -8.89 4.34 -9.40
NBB EUQ C . 3.02 4.36 -13.01
NBC EUQ C . 6.30 1.94 -10.58
NBN EUQ C . -6.11 5.70 -7.99
OAC EUQ C . -10.69 3.21 -8.58
OAD EUQ C . 7.56 -0.38 -10.19
CL5 EUQ C . 8.36 2.32 -12.60
S SO4 D . 19.45 -21.44 -22.72
O1 SO4 D . 19.57 -22.60 -21.84
O2 SO4 D . 19.50 -21.89 -24.12
O3 SO4 D . 20.58 -20.55 -22.50
O4 SO4 D . 18.19 -20.75 -22.49
C4 EUQ E . -2.08 15.50 10.67
C5 EUQ E . -0.90 15.31 11.38
C6 EUQ E . 0.25 14.89 10.73
N1 EUQ E . 0.21 14.71 9.35
N3 EUQ E . -2.06 15.30 9.33
C2 EUQ E . -0.95 14.91 8.69
CAA EUQ E . -13.11 23.15 3.05
CAB EUQ E . -6.41 12.89 13.89
CAF EUQ E . -13.25 22.88 1.54
CAG EUQ E . -5.78 16.90 9.03
CAH EUQ E . -6.89 16.22 9.56
CAI EUQ E . -4.55 16.79 9.64
CAJ EUQ E . -6.75 15.43 10.70
CAK EUQ E . -2.25 15.46 4.17
CAL EUQ E . -4.15 15.09 5.61
CAM EUQ E . -1.39 15.21 5.21
CAN EUQ E . -3.27 14.83 6.68
CAP EUQ E . -7.38 18.75 2.19
CAQ EUQ E . -10.04 20.77 1.33
CAR EUQ E . -9.08 20.57 2.49
CAS EUQ E . -4.38 15.67 3.18
CAT EUQ E . -6.31 16.44 2.09
CBD EUQ E . -12.13 22.02 0.90
CBE EUQ E . -5.41 14.54 12.46
CBG EUQ E . -3.63 15.40 4.34
CBH EUQ E . -1.88 14.90 6.47
CBI EUQ E . -7.46 17.43 2.31
CBK EUQ E . -4.39 16.01 10.79
CBL EUQ E . -5.49 15.32 11.32
NAV EUQ E . -8.69 17.11 2.66
NAW EUQ E . -9.36 18.17 2.76
NAY EUQ E . -6.47 13.72 12.67
NAZ EUQ E . -5.78 15.98 3.38
NBA EUQ E . -11.18 21.61 1.76
NBB EUQ E . -0.90 14.68 7.37
NBC EUQ E . -3.18 15.88 11.39
NBN EUQ E . -8.60 19.17 2.48
OAC EUQ E . -12.13 21.75 -0.31
OAD EUQ E . -4.45 14.65 13.21
CL5 EUQ E . -0.82 15.52 13.08
#